data_1OLD
#
_entry.id   1OLD
#
_cell.length_a   1.000
_cell.length_b   1.000
_cell.length_c   1.000
_cell.angle_alpha   90.00
_cell.angle_beta   90.00
_cell.angle_gamma   90.00
#
_symmetry.space_group_name_H-M   'P 1'
#
loop_
_entity.id
_entity.type
_entity.pdbx_description
1 polymer 'DNA (GATCGAAACGTAGCGCCTTCGATC)'
2 non-polymer ARGININEAMIDE
#
_entity_poly.entity_id   1
_entity_poly.type   'polydeoxyribonucleotide'
_entity_poly.pdbx_seq_one_letter_code
;(DG)(DA)(DT)(DC)(DG)(DA)(DA)(DA)(DC)(DG)(DT)(DA)(DG)(DC)(DG)(DC)(DC)(DT)(DT)(DC)
(DG)(DA)(DT)(DC)
;
_entity_poly.pdbx_strand_id   A
#
loop_
_chem_comp.id
_chem_comp.type
_chem_comp.name
_chem_comp.formula
DA DNA linking 2'-DEOXYADENOSINE-5'-MONOPHOSPHATE 'C10 H14 N5 O6 P'
DC DNA linking 2'-DEOXYCYTIDINE-5'-MONOPHOSPHATE 'C9 H14 N3 O7 P'
DG DNA linking 2'-DEOXYGUANOSINE-5'-MONOPHOSPHATE 'C10 H14 N5 O7 P'
DT DNA linking THYMIDINE-5'-MONOPHOSPHATE 'C10 H15 N2 O8 P'
#
# COMPACT_ATOMS: atom_id res chain seq x y z
N AAR B . 3.85 0.15 -1.53
CA AAR B . 2.74 0.16 -0.61
CB AAR B . 1.46 0.34 -1.47
CG AAR B . 0.14 0.39 -0.77
CD AAR B . -1.17 0.77 -1.26
NE AAR B . -2.10 0.47 -0.18
CZ AAR B . -3.40 0.43 -0.28
NH1 AAR B . -4.09 0.14 0.80
NH2 AAR B . -4.04 0.64 -1.42
C AAR B . 2.77 -1.10 0.26
O AAR B . 3.07 -2.21 -0.17
NT AAR B . 2.43 -0.99 1.53
H2 AAR B . 3.86 -0.48 -2.28
H AAR B . 4.59 0.79 -1.39
HA AAR B . 2.83 1.00 0.05
HB2 AAR B . 1.40 -0.47 -2.18
HB3 AAR B . 1.58 1.30 -1.96
HG2 AAR B . 0.24 1.12 0.02
HG3 AAR B . -0.05 -0.63 -0.45
HD2 AAR B . -1.43 0.14 -2.10
HD3 AAR B . -1.20 1.81 -1.52
HE AAR B . -1.71 0.25 0.70
HH11 AAR B . -3.62 -0.06 1.67
HH12 AAR B . -5.09 0.10 0.76
HH21 AAR B . -3.48 0.78 -2.23
HH22 AAR B . -5.04 0.62 -1.52
HNT1 AAR B . 2.21 -0.11 1.90
HNT2 AAR B . 2.40 -1.77 2.10
N AAR B . 1.85 1.56 1.35
CA AAR B . 1.85 0.14 1.16
CB AAR B . 1.69 -0.16 -0.34
CG AAR B . 0.48 0.25 -1.11
CD AAR B . -0.86 -0.33 -0.92
NE AAR B . -1.59 -0.20 0.32
CZ AAR B . -2.87 0.16 0.36
NH1 AAR B . -3.50 0.12 1.51
NH2 AAR B . -3.56 0.51 -0.72
C AAR B . 3.15 -0.46 1.71
O AAR B . 4.27 -0.13 1.29
NT AAR B . 3.13 -1.36 2.69
H2 AAR B . 2.21 2.15 0.66
H AAR B . 1.51 1.94 2.20
HA AAR B . 1.00 -0.25 1.68
HB2 AAR B . 1.76 -1.22 -0.49
HB3 AAR B . 2.50 0.36 -0.84
HG2 AAR B . 0.35 1.32 -1.03
HG3 AAR B . 0.69 -0.06 -2.13
HD2 AAR B . -1.44 0.19 -1.67
HD3 AAR B . -0.79 -1.38 -1.19
HE AAR B . -1.17 -0.44 1.18
HH11 AAR B . -4.46 0.37 1.58
HH12 AAR B . -3.01 -0.19 2.34
HH21 AAR B . -4.52 0.78 -0.69
HH22 AAR B . -3.08 0.47 -1.61
HNT1 AAR B . 4.00 -1.70 3.01
HNT2 AAR B . 2.30 -1.69 3.09
N AAR B . 3.49 -0.89 -0.78
CA AAR B . 2.63 -0.37 0.27
CB AAR B . 1.16 -0.40 -0.18
CG AAR B . 0.57 0.31 -1.32
CD AAR B . -0.91 -0.03 -1.33
NE AAR B . -1.73 0.08 -0.12
CZ AAR B . -3.02 0.40 -0.14
NH1 AAR B . -3.67 0.72 -1.25
NH2 AAR B . -3.72 0.34 0.98
C AAR B . 2.79 -1.22 1.55
O AAR B . 3.08 -2.43 1.50
NT AAR B . 2.62 -0.71 2.75
H2 AAR B . 4.01 -0.26 -1.33
H AAR B . 3.54 -1.85 -0.92
HA AAR B . 2.92 0.64 0.50
HB2 AAR B . 0.57 0.04 0.63
HB3 AAR B . 0.89 -1.41 -0.39
HG2 AAR B . 1.00 -0.08 -2.23
HG3 AAR B . 0.70 1.37 -1.22
HD2 AAR B . -0.99 -1.07 -1.64
HD3 AAR B . -1.36 0.58 -2.10
HE AAR B . -1.33 -0.16 0.74
HH11 AAR B . -4.63 0.97 -1.29
HH12 AAR B . -3.13 0.68 -2.10
HH21 AAR B . -3.29 0.02 1.84
HH22 AAR B . -4.69 0.58 0.98
HNT1 AAR B . 2.69 -1.28 3.54
HNT2 AAR B . 2.39 0.24 2.87
N AAR B . 2.02 1.44 0.84
CA AAR B . 2.11 0.02 0.61
CB AAR B . 1.88 -0.30 -0.89
CG AAR B . 0.67 0.16 -1.67
CD AAR B . -0.72 -0.27 -1.36
NE AAR B . -1.29 0.00 -0.05
CZ AAR B . -2.59 0.16 0.14
NH1 AAR B . -3.49 0.16 -0.82
NH2 AAR B . -3.03 0.32 1.38
C AAR B . 3.47 -0.50 1.08
O AAR B . 4.53 -0.06 0.65
NT AAR B . 3.54 -1.45 2.01
H2 AAR B . 1.57 1.77 1.62
H AAR B . 2.47 2.06 0.21
HA AAR B . 1.32 -0.41 1.21
HB2 AAR B . 1.92 -1.37 -1.02
HB3 AAR B . 2.71 0.17 -1.42
HG2 AAR B . 0.82 -0.22 -2.67
HG3 AAR B . 0.65 1.24 -1.67
HD2 AAR B . -0.77 -1.34 -1.53
HD3 AAR B . -1.34 0.24 -2.08
HE AAR B . -0.73 0.00 0.75
HH11 AAR B . -4.47 0.27 -0.64
HH12 AAR B . -3.17 0.01 -1.76
HH21 AAR B . -4.00 0.46 1.58
HH22 AAR B . -2.37 0.27 2.12
HNT1 AAR B . 2.73 -1.83 2.42
HNT2 AAR B . 4.43 -1.76 2.30
N AAR B . 3.72 -0.03 -1.24
CA AAR B . 2.58 0.02 -0.33
CB AAR B . 1.33 0.21 -1.24
CG AAR B . -0.02 0.24 -0.58
CD AAR B . -1.28 0.65 -1.16
NE AAR B . -2.31 0.35 -0.16
CZ AAR B . -3.61 0.35 -0.41
NH1 AAR B . -4.39 0.06 0.61
NH2 AAR B . -4.13 0.59 -1.59
C AAR B . 2.57 -1.20 0.60
O AAR B . 2.89 -2.33 0.24
NT AAR B . 2.14 -1.03 1.83
H2 AAR B . 4.48 0.58 -1.11
H AAR B . 3.71 -0.66 -2.00
HA AAR B . 2.67 0.89 0.29
HB2 AAR B . 1.29 -0.60 -1.95
HB3 AAR B . 1.48 1.17 -1.71
HG2 AAR B . 0.05 0.95 0.21
HG3 AAR B . -0.22 -0.79 -0.32
HD2 AAR B . -1.47 0.06 -2.04
HD3 AAR B . -1.25 1.71 -1.38
HE AAR B . -2.02 0.09 0.74
HH11 AAR B . -3.98 -0.13 1.50
HH12 AAR B . -5.38 0.01 0.48
HH21 AAR B . -3.48 0.74 -2.34
HH22 AAR B . -5.11 0.60 -1.77
HNT1 AAR B . 1.88 -0.13 2.13
HNT2 AAR B . 2.06 -1.78 2.45
N AAR B . 2.19 1.20 1.70
CA AAR B . 1.61 -0.07 1.38
CB AAR B . 1.53 -0.27 -0.16
CG AAR B . 0.52 0.41 -1.00
CD AAR B . -0.90 0.00 -0.90
NE AAR B . -1.62 0.06 0.36
CZ AAR B . -2.94 0.19 0.41
NH1 AAR B . -3.55 0.08 1.56
NH2 AAR B . -3.68 0.38 -0.67
C AAR B . 2.42 -1.20 2.06
O AAR B . 2.50 -2.33 1.59
NT AAR B . 3.05 -1.01 3.21
H2 AAR B . 2.33 1.88 1.00
H AAR B . 2.44 1.39 2.63
HA AAR B . 0.60 -0.03 1.74
HB2 AAR B . 1.29 -1.31 -0.35
HB3 AAR B . 2.49 -0.01 -0.56
HG2 AAR B . 0.60 1.48 -0.86
HG3 AAR B . 0.77 0.11 -2.01
HD2 AAR B . -1.43 0.64 -1.60
HD3 AAR B . -0.95 -1.01 -1.27
HE AAR B . -1.16 -0.11 1.22
HH11 AAR B . -4.54 0.15 1.62
HH12 AAR B . -3.01 -0.11 2.39
HH21 AAR B . -4.67 0.46 -0.64
HH22 AAR B . -3.21 0.40 -1.56
HNT1 AAR B . 3.54 -1.77 3.60
HNT2 AAR B . 3.05 -0.15 3.67
N AAR B . 2.91 -0.41 -1.92
CA AAR B . 2.28 -0.06 -0.66
CB AAR B . 0.77 -0.24 -0.71
CG AAR B . -0.09 0.53 -1.66
CD AAR B . -1.54 0.16 -1.45
NE AAR B . -2.05 0.24 -0.08
CZ AAR B . -3.29 0.52 0.27
NH1 AAR B . -4.24 0.77 -0.59
NH2 AAR B . -3.59 0.51 1.54
C AAR B . 2.84 -0.90 0.50
O AAR B . 3.22 -2.06 0.36
NT AAR B . 2.91 -0.35 1.71
H2 AAR B . 2.45 -0.99 -2.56
H AAR B . 3.80 -0.05 -2.11
HA AAR B . 2.49 0.98 -0.44
HB2 AAR B . 0.38 0.06 0.24
HB3 AAR B . 0.55 -1.28 -0.93
HG2 AAR B . 0.18 0.26 -2.67
HG3 AAR B . 0.03 1.58 -1.47
HD2 AAR B . -1.67 -0.85 -1.80
HD3 AAR B . -2.13 0.82 -2.08
HE AAR B . -1.42 0.00 0.64
HH11 AAR B . -5.18 1.00 -0.32
HH12 AAR B . -3.98 0.72 -1.55
HH21 AAR B . -2.88 0.28 2.21
HH22 AAR B . -4.51 0.72 1.85
HNT1 AAR B . 3.29 -0.87 2.45
HNT2 AAR B . 2.58 0.55 1.87
#